data_5YDU
#
_entry.id   5YDU
#
_cell.length_a   72.364
_cell.length_b   90.880
_cell.length_c   157.232
_cell.angle_alpha   90.00
_cell.angle_beta   90.00
_cell.angle_gamma   90.00
#
_symmetry.space_group_name_H-M   'C 2 2 21'
#
loop_
_entity.id
_entity.type
_entity.pdbx_description
1 polymer 'Ribosome biogenesis protein UTP30'
2 non-polymer 'PHOSPHATE ION'
3 water water
#
_entity_poly.entity_id   1
_entity_poly.type   'polypeptide(L)'
_entity_poly.pdbx_seq_one_letter_code
;MVESNDIIKSGLAEKALKALILQCEENPSLKNDKDIHIIINTGKKMGINRDNIPRIIPLTKYKLFKPRDLNILLITKDPS
ALYRETLTKDEHTSELFKEIISVKNLRRRFKGSKLTQLYKDFDLVVADYRVHHLLPEVLGSRFYHGSKKLPYMIRMSKEV
KLKRQQMVEKCDPIYVRAQLRSICKNTSYIPNNDNCLSVRVGYIQKHSIPEILQNIQDTINFLTDKSKRPQGGVIKGGII
SIFVKTSNSTSLPIYQFSEARENQKNEDLSDIKL
;
_entity_poly.pdbx_strand_id   A,B
#
loop_
_chem_comp.id
_chem_comp.type
_chem_comp.name
_chem_comp.formula
PO4 non-polymer 'PHOSPHATE ION' 'O4 P -3'
#
# COMPACT_ATOMS: atom_id res chain seq x y z
N GLY A 11 7.10 -5.00 28.68
CA GLY A 11 6.53 -3.67 28.84
C GLY A 11 5.03 -3.61 29.15
N LEU A 12 4.54 -2.36 29.19
CA LEU A 12 3.13 -2.12 29.51
C LEU A 12 2.21 -2.80 28.51
N ALA A 13 2.46 -2.59 27.22
CA ALA A 13 1.51 -3.01 26.19
C ALA A 13 1.30 -4.52 26.22
N GLU A 14 2.40 -5.27 26.27
CA GLU A 14 2.30 -6.73 26.44
C GLU A 14 1.50 -7.08 27.68
N LYS A 15 1.63 -6.28 28.73
CA LYS A 15 0.89 -6.59 29.96
C LYS A 15 -0.58 -6.41 29.71
N ALA A 16 -0.93 -5.40 28.92
CA ALA A 16 -2.33 -5.08 28.64
C ALA A 16 -3.02 -6.21 27.89
N LEU A 17 -2.39 -6.70 26.82
CA LEU A 17 -2.97 -7.78 26.05
C LEU A 17 -3.10 -9.04 26.91
N LYS A 18 -2.04 -9.39 27.64
CA LYS A 18 -2.09 -10.55 28.53
C LYS A 18 -3.26 -10.44 29.51
N ALA A 19 -3.58 -9.23 29.94
CA ALA A 19 -4.70 -9.07 30.86
C ALA A 19 -6.03 -9.13 30.14
N LEU A 20 -6.07 -8.77 28.86
CA LEU A 20 -7.32 -8.81 28.12
C LEU A 20 -7.62 -10.24 27.68
N ILE A 21 -6.58 -10.97 27.28
CA ILE A 21 -6.73 -12.38 26.92
C ILE A 21 -7.18 -13.19 28.13
N LEU A 22 -6.54 -12.95 29.28
CA LEU A 22 -6.98 -13.60 30.50
C LEU A 22 -8.43 -13.24 30.81
N GLN A 23 -8.78 -11.96 30.68
CA GLN A 23 -10.14 -11.55 31.01
C GLN A 23 -11.17 -12.21 30.10
N CYS A 24 -10.77 -12.53 28.85
CA CYS A 24 -11.61 -13.28 27.92
C CYS A 24 -11.72 -14.75 28.29
N GLU A 25 -10.80 -15.28 29.10
CA GLU A 25 -10.90 -16.65 29.55
C GLU A 25 -11.55 -16.78 30.92
N GLU A 26 -11.54 -15.71 31.72
CA GLU A 26 -12.10 -15.76 33.06
C GLU A 26 -13.52 -15.24 33.11
N ASN A 27 -13.80 -14.13 32.43
CA ASN A 27 -15.15 -13.57 32.45
C ASN A 27 -16.06 -14.38 31.53
N PRO A 28 -17.14 -14.96 32.02
CA PRO A 28 -18.06 -15.68 31.12
C PRO A 28 -18.77 -14.75 30.13
N SER A 29 -18.87 -13.46 30.43
CA SER A 29 -19.42 -12.48 29.49
C SER A 29 -18.62 -12.42 28.19
N LEU A 30 -17.32 -12.67 28.26
CA LEU A 30 -16.41 -12.49 27.13
C LEU A 30 -16.27 -13.75 26.27
N LYS A 31 -17.14 -14.74 26.43
CA LYS A 31 -17.37 -15.71 25.37
C LYS A 31 -18.24 -15.07 24.29
N ASN A 32 -17.99 -15.44 23.04
CA ASN A 32 -18.45 -14.79 21.81
C ASN A 32 -17.88 -13.38 21.65
N ASP A 33 -17.00 -12.95 22.57
CA ASP A 33 -16.07 -11.87 22.27
C ASP A 33 -14.90 -12.47 21.51
N LYS A 34 -14.58 -11.88 20.35
CA LYS A 34 -13.62 -12.50 19.45
C LYS A 34 -12.64 -11.45 18.92
N ASP A 35 -13.19 -10.43 18.26
CA ASP A 35 -12.39 -9.37 17.68
C ASP A 35 -11.77 -8.49 18.77
N ILE A 36 -10.50 -8.18 18.57
CA ILE A 36 -9.79 -7.22 19.41
C ILE A 36 -9.59 -5.94 18.61
N HIS A 37 -9.93 -4.82 19.22
CA HIS A 37 -9.82 -3.50 18.63
C HIS A 37 -8.91 -2.65 19.51
N ILE A 38 -8.13 -1.78 18.88
CA ILE A 38 -7.48 -0.69 19.62
C ILE A 38 -8.30 0.57 19.39
N ILE A 39 -8.26 1.48 20.36
CA ILE A 39 -8.87 2.79 20.26
C ILE A 39 -7.77 3.84 20.33
N ILE A 40 -7.60 4.59 19.24
CA ILE A 40 -6.57 5.63 19.14
C ILE A 40 -7.24 6.98 19.36
N ASN A 41 -6.82 7.69 20.39
CA ASN A 41 -7.26 9.05 20.64
C ASN A 41 -6.18 9.99 20.13
N THR A 42 -6.57 10.97 19.32
CA THR A 42 -5.61 11.86 18.67
C THR A 42 -5.75 13.30 19.15
N GLY A 43 -4.70 14.09 18.89
CA GLY A 43 -4.68 15.47 19.36
C GLY A 43 -5.74 16.34 18.72
N LYS A 44 -5.94 16.16 17.41
CA LYS A 44 -6.92 16.91 16.64
C LYS A 44 -7.94 15.96 16.03
N LYS A 45 -9.02 16.54 15.52
CA LYS A 45 -9.94 15.75 14.72
C LYS A 45 -9.27 15.35 13.41
N MET A 46 -9.55 14.13 12.96
CA MET A 46 -8.91 13.61 11.75
C MET A 46 -9.14 14.51 10.55
N GLY A 47 -10.16 15.37 10.61
CA GLY A 47 -10.39 16.35 9.57
C GLY A 47 -10.66 15.75 8.21
N ILE A 48 -11.48 14.68 8.16
CA ILE A 48 -11.94 14.14 6.88
C ILE A 48 -13.45 14.01 6.96
N ASN A 49 -14.16 14.62 6.01
CA ASN A 49 -15.61 14.44 5.96
C ASN A 49 -15.91 12.96 5.84
N ARG A 50 -16.85 12.46 6.65
CA ARG A 50 -17.07 11.03 6.78
C ARG A 50 -17.39 10.40 5.43
N ASP A 51 -16.71 9.29 5.16
CA ASP A 51 -16.70 8.68 3.85
C ASP A 51 -17.49 7.39 3.82
N ASN A 52 -17.31 6.56 4.85
CA ASN A 52 -18.01 5.31 5.16
C ASN A 52 -17.59 4.16 4.27
N ILE A 53 -16.54 4.33 3.47
CA ILE A 53 -15.94 3.23 2.71
C ILE A 53 -14.68 2.79 3.43
N PRO A 54 -14.52 1.51 3.75
CA PRO A 54 -13.29 1.06 4.39
C PRO A 54 -12.08 1.42 3.53
N ARG A 55 -11.05 1.94 4.21
CA ARG A 55 -9.69 2.06 3.67
C ARG A 55 -8.89 0.88 4.21
N ILE A 56 -8.06 0.28 3.36
CA ILE A 56 -7.26 -0.86 3.83
C ILE A 56 -6.06 -0.34 4.60
N ILE A 57 -5.74 -1.01 5.72
CA ILE A 57 -4.51 -0.78 6.47
C ILE A 57 -3.66 -2.04 6.39
N PRO A 58 -2.47 -1.98 5.79
CA PRO A 58 -1.67 -3.18 5.47
C PRO A 58 -0.97 -3.76 6.69
N LEU A 59 -1.34 -4.99 7.04
CA LEU A 59 -0.59 -5.80 8.00
C LEU A 59 0.57 -6.47 7.28
N THR A 60 1.79 -6.22 7.75
CA THR A 60 2.96 -6.77 7.07
C THR A 60 3.24 -8.21 7.54
N LYS A 61 3.73 -8.37 8.78
CA LYS A 61 4.30 -9.65 9.18
C LYS A 61 3.26 -10.76 9.12
N TYR A 62 2.15 -10.57 9.82
CA TYR A 62 1.10 -11.56 9.83
C TYR A 62 -0.11 -11.00 9.11
N LYS A 63 -1.15 -11.80 9.10
CA LYS A 63 -2.37 -11.52 8.37
C LYS A 63 -3.53 -11.67 9.32
N LEU A 64 -4.46 -10.72 9.25
CA LEU A 64 -5.65 -10.74 10.08
C LEU A 64 -6.40 -12.05 9.92
N PHE A 65 -7.00 -12.25 8.73
CA PHE A 65 -7.81 -13.41 8.36
C PHE A 65 -7.43 -13.90 6.97
N LYS A 66 -7.90 -15.10 6.62
CA LYS A 66 -7.92 -15.60 5.25
C LYS A 66 -9.36 -15.75 4.79
N PRO A 67 -9.67 -15.54 3.49
CA PRO A 67 -11.08 -15.59 3.05
C PRO A 67 -11.81 -16.81 3.53
N ARG A 68 -11.18 -17.98 3.53
CA ARG A 68 -11.89 -19.18 3.97
C ARG A 68 -12.30 -19.12 5.43
N ASP A 69 -11.83 -18.12 6.17
CA ASP A 69 -12.20 -17.99 7.58
C ASP A 69 -13.64 -17.51 7.74
N LEU A 70 -14.11 -16.62 6.86
CA LEU A 70 -15.27 -15.79 7.14
C LEU A 70 -16.45 -16.11 6.22
N ASN A 71 -17.64 -15.68 6.67
CA ASN A 71 -18.85 -15.71 5.88
C ASN A 71 -18.99 -14.39 5.13
N ILE A 72 -18.75 -14.42 3.82
CA ILE A 72 -18.59 -13.22 3.00
C ILE A 72 -19.82 -13.04 2.12
N LEU A 73 -20.35 -11.82 2.07
CA LEU A 73 -21.49 -11.46 1.24
C LEU A 73 -21.03 -10.59 0.08
N LEU A 74 -21.40 -11.00 -1.14
CA LEU A 74 -21.06 -10.29 -2.36
C LEU A 74 -22.32 -9.68 -2.96
N ILE A 75 -22.31 -8.38 -3.16
CA ILE A 75 -23.41 -7.67 -3.79
C ILE A 75 -22.96 -7.25 -5.17
N THR A 76 -23.70 -7.63 -6.20
CA THR A 76 -23.23 -7.32 -7.53
C THR A 76 -24.22 -6.48 -8.31
N LYS A 77 -23.74 -6.01 -9.46
CA LYS A 77 -24.58 -5.39 -10.46
C LYS A 77 -25.78 -6.30 -10.76
N ASP A 78 -26.97 -5.73 -10.78
CA ASP A 78 -28.17 -6.53 -11.12
C ASP A 78 -28.43 -6.60 -12.63
N PRO A 79 -28.60 -7.82 -13.20
CA PRO A 79 -28.69 -9.16 -12.58
C PRO A 79 -27.36 -9.88 -12.25
N SER A 80 -27.38 -10.48 -11.06
CA SER A 80 -26.22 -11.10 -10.44
C SER A 80 -25.96 -12.52 -10.92
N ALA A 81 -26.95 -13.14 -11.56
CA ALA A 81 -26.86 -14.52 -12.02
C ALA A 81 -25.52 -14.85 -12.66
N LEU A 82 -24.99 -13.97 -13.51
CA LEU A 82 -23.75 -14.28 -14.23
C LEU A 82 -22.57 -14.37 -13.28
N TYR A 83 -22.43 -13.40 -12.37
CA TYR A 83 -21.30 -13.43 -11.43
C TYR A 83 -21.46 -14.59 -10.46
N ARG A 84 -22.68 -14.83 -10.00
CA ARG A 84 -22.94 -15.95 -9.11
C ARG A 84 -22.52 -17.27 -9.76
N GLU A 85 -22.94 -17.50 -11.00
CA GLU A 85 -22.65 -18.75 -11.68
C GLU A 85 -21.17 -18.92 -11.94
N THR A 86 -20.50 -17.87 -12.43
CA THR A 86 -19.07 -17.95 -12.72
C THR A 86 -18.27 -18.22 -11.44
N LEU A 87 -18.46 -17.39 -10.41
CA LEU A 87 -17.70 -17.59 -9.17
C LEU A 87 -17.99 -18.95 -8.55
N THR A 88 -19.24 -19.41 -8.63
CA THR A 88 -19.63 -20.65 -7.95
C THR A 88 -19.05 -21.87 -8.65
N LYS A 89 -18.97 -21.84 -9.97
CA LYS A 89 -18.54 -22.99 -10.74
C LYS A 89 -17.04 -22.96 -11.03
N ASP A 90 -16.28 -22.16 -10.30
CA ASP A 90 -14.85 -22.06 -10.51
C ASP A 90 -14.14 -22.54 -9.27
N GLU A 91 -13.14 -23.42 -9.47
CA GLU A 91 -12.48 -24.08 -8.35
C GLU A 91 -11.82 -23.09 -7.41
N HIS A 92 -11.34 -21.96 -7.93
CA HIS A 92 -10.69 -20.97 -7.10
C HIS A 92 -11.65 -20.15 -6.26
N THR A 93 -12.94 -20.14 -6.60
CA THR A 93 -13.85 -19.24 -5.90
C THR A 93 -15.15 -19.90 -5.48
N SER A 94 -15.25 -21.23 -5.52
CA SER A 94 -16.54 -21.87 -5.32
C SER A 94 -17.09 -21.61 -3.93
N GLU A 95 -16.27 -21.81 -2.91
CA GLU A 95 -16.72 -21.60 -1.53
C GLU A 95 -16.32 -20.23 -1.01
N LEU A 96 -15.85 -19.35 -1.89
CA LEU A 96 -15.37 -18.03 -1.48
C LEU A 96 -16.48 -17.19 -0.88
N PHE A 97 -17.64 -17.16 -1.51
CA PHE A 97 -18.71 -16.34 -0.97
C PHE A 97 -19.78 -17.18 -0.30
N LYS A 98 -20.50 -16.53 0.61
CA LYS A 98 -21.62 -17.16 1.28
C LYS A 98 -22.91 -16.93 0.52
N GLU A 99 -23.04 -15.76 -0.06
CA GLU A 99 -24.21 -15.39 -0.83
C GLU A 99 -23.76 -14.36 -1.84
N ILE A 100 -24.30 -14.45 -3.04
CA ILE A 100 -24.07 -13.48 -4.08
C ILE A 100 -25.43 -12.97 -4.48
N ILE A 101 -25.69 -11.68 -4.28
CA ILE A 101 -26.99 -11.12 -4.58
C ILE A 101 -26.81 -9.75 -5.23
N SER A 102 -27.83 -9.38 -6.00
CA SER A 102 -27.84 -8.10 -6.68
C SER A 102 -28.09 -6.96 -5.69
N VAL A 103 -27.77 -5.74 -6.10
CA VAL A 103 -28.05 -4.63 -5.20
C VAL A 103 -29.56 -4.47 -5.01
N LYS A 104 -30.35 -4.76 -6.05
CA LYS A 104 -31.81 -4.69 -5.92
C LYS A 104 -32.31 -5.72 -4.91
N ASN A 105 -31.75 -6.93 -4.93
CA ASN A 105 -32.13 -7.94 -3.94
C ASN A 105 -31.84 -7.43 -2.55
N LEU A 106 -30.75 -6.68 -2.40
CA LEU A 106 -30.35 -6.16 -1.10
C LEU A 106 -31.26 -4.99 -0.67
N ARG A 107 -31.53 -4.06 -1.60
CA ARG A 107 -32.41 -2.95 -1.23
C ARG A 107 -33.80 -3.45 -0.85
N ARG A 108 -34.25 -4.57 -1.43
CA ARG A 108 -35.55 -5.12 -1.08
C ARG A 108 -35.56 -5.81 0.27
N ARG A 109 -34.41 -6.28 0.77
CA ARG A 109 -34.36 -6.82 2.13
C ARG A 109 -34.46 -5.74 3.19
N PHE A 110 -33.83 -4.59 2.94
CA PHE A 110 -33.81 -3.46 3.87
C PHE A 110 -35.21 -3.00 4.30
N GLN A 117 -28.77 -6.36 12.28
CA GLN A 117 -29.44 -5.51 11.30
C GLN A 117 -29.65 -6.28 9.99
N LEU A 118 -28.99 -5.80 8.94
CA LEU A 118 -29.08 -6.32 7.58
C LEU A 118 -27.97 -7.29 7.23
N TYR A 119 -26.77 -7.09 7.78
CA TYR A 119 -25.69 -8.03 7.50
C TYR A 119 -25.36 -8.89 8.69
N LYS A 120 -26.29 -9.04 9.65
CA LYS A 120 -25.93 -9.69 10.92
C LYS A 120 -25.52 -11.15 10.72
N ASP A 121 -25.66 -11.70 9.51
CA ASP A 121 -25.28 -13.06 9.18
C ASP A 121 -23.93 -13.16 8.48
N PHE A 122 -23.19 -12.05 8.36
CA PHE A 122 -21.96 -12.02 7.59
C PHE A 122 -20.85 -11.33 8.35
N ASP A 123 -19.66 -11.91 8.27
CA ASP A 123 -18.49 -11.27 8.82
C ASP A 123 -17.93 -10.21 7.92
N LEU A 124 -18.30 -10.23 6.65
CA LEU A 124 -17.69 -9.33 5.68
C LEU A 124 -18.69 -9.14 4.56
N VAL A 125 -18.72 -7.95 4.00
CA VAL A 125 -19.55 -7.73 2.82
C VAL A 125 -18.72 -6.93 1.84
N VAL A 126 -18.61 -7.43 0.63
CA VAL A 126 -17.94 -6.76 -0.47
C VAL A 126 -18.97 -6.52 -1.57
N ALA A 127 -18.88 -5.39 -2.23
CA ALA A 127 -19.81 -5.03 -3.29
C ALA A 127 -19.04 -4.66 -4.54
N ASP A 128 -19.60 -4.99 -5.69
CA ASP A 128 -19.14 -4.46 -6.96
C ASP A 128 -19.05 -2.96 -6.80
N TYR A 129 -17.86 -2.40 -7.07
CA TYR A 129 -17.72 -0.97 -6.88
C TYR A 129 -18.74 -0.20 -7.72
N ARG A 130 -19.27 -0.82 -8.77
CA ARG A 130 -20.20 -0.12 -9.65
C ARG A 130 -21.56 0.11 -8.98
N VAL A 131 -21.93 -0.73 -8.01
CA VAL A 131 -23.21 -0.61 -7.32
C VAL A 131 -23.03 -0.13 -5.90
N HIS A 132 -21.84 0.35 -5.55
CA HIS A 132 -21.57 0.73 -4.17
C HIS A 132 -22.40 1.92 -3.73
N HIS A 133 -22.53 2.92 -4.59
CA HIS A 133 -23.28 4.12 -4.24
C HIS A 133 -24.77 3.85 -4.07
N LEU A 134 -25.25 2.67 -4.49
CA LEU A 134 -26.65 2.28 -4.35
C LEU A 134 -26.92 1.48 -3.07
N LEU A 135 -26.00 1.48 -2.10
CA LEU A 135 -26.30 0.67 -0.94
C LEU A 135 -26.99 1.50 0.14
N PRO A 136 -27.80 0.88 1.01
CA PRO A 136 -28.50 1.66 2.04
C PRO A 136 -27.71 1.75 3.34
N TYR A 144 -24.31 3.99 11.23
CA TYR A 144 -23.93 3.37 12.50
C TYR A 144 -22.41 3.26 12.51
N HIS A 145 -21.80 3.76 13.58
CA HIS A 145 -20.35 3.89 13.71
C HIS A 145 -19.88 2.89 14.77
N GLY A 146 -19.15 1.85 14.33
CA GLY A 146 -18.65 0.78 15.17
C GLY A 146 -18.85 -0.56 14.50
N SER A 147 -19.11 -0.52 13.19
CA SER A 147 -19.66 -1.64 12.45
C SER A 147 -18.60 -2.22 11.52
N LYS A 148 -18.30 -3.49 11.71
CA LYS A 148 -17.46 -4.21 10.76
C LYS A 148 -18.11 -4.31 9.38
N LYS A 149 -19.42 -4.60 9.33
CA LYS A 149 -20.07 -5.01 8.10
C LYS A 149 -20.18 -3.89 7.05
N LEU A 150 -19.50 -2.73 7.20
CA LEU A 150 -19.51 -1.73 6.13
C LEU A 150 -18.85 -2.29 4.88
N PRO A 151 -19.43 -2.09 3.70
CA PRO A 151 -18.96 -2.80 2.50
C PRO A 151 -17.70 -2.22 1.91
N TYR A 152 -16.80 -3.12 1.54
CA TYR A 152 -15.67 -2.77 0.68
C TYR A 152 -16.11 -2.67 -0.79
N MET A 153 -15.25 -2.09 -1.61
CA MET A 153 -15.39 -2.08 -3.05
C MET A 153 -14.42 -3.09 -3.66
N ILE A 154 -14.87 -3.82 -4.69
CA ILE A 154 -14.00 -4.68 -5.48
C ILE A 154 -14.38 -4.57 -6.94
N ARG A 155 -13.49 -5.08 -7.80
CA ARG A 155 -13.77 -5.23 -9.21
C ARG A 155 -14.04 -6.70 -9.54
N MET A 156 -15.06 -6.94 -10.37
CA MET A 156 -15.25 -8.27 -10.97
C MET A 156 -14.27 -8.54 -12.10
N SER A 157 -13.64 -7.52 -12.66
CA SER A 157 -12.81 -7.69 -13.84
C SER A 157 -11.69 -6.66 -13.84
N LYS A 158 -10.53 -7.07 -14.32
CA LYS A 158 -9.39 -6.19 -14.44
C LYS A 158 -9.72 -5.04 -15.39
N GLU A 159 -9.30 -3.81 -15.05
CA GLU A 159 -9.54 -2.71 -15.98
C GLU A 159 -8.83 -2.95 -17.30
N VAL A 160 -7.69 -3.62 -17.28
CA VAL A 160 -6.94 -3.98 -18.46
C VAL A 160 -6.22 -5.27 -18.15
N LYS A 161 -6.41 -6.31 -18.96
CA LYS A 161 -5.60 -7.51 -18.89
C LYS A 161 -4.67 -7.53 -20.10
N LEU A 162 -3.38 -7.74 -19.85
CA LEU A 162 -2.41 -7.78 -20.95
C LEU A 162 -2.40 -9.14 -21.64
N LYS A 163 -2.75 -10.20 -20.91
CA LYS A 163 -2.74 -11.56 -21.43
C LYS A 163 -4.00 -11.79 -22.27
N ARG A 164 -3.80 -12.17 -23.52
CA ARG A 164 -4.85 -12.60 -24.44
C ARG A 164 -6.00 -11.58 -24.48
N GLN A 165 -5.67 -10.44 -25.12
CA GLN A 165 -6.53 -9.27 -25.17
C GLN A 165 -7.76 -9.48 -26.05
N GLN A 166 -7.75 -10.47 -26.93
CA GLN A 166 -8.93 -10.71 -27.76
C GLN A 166 -10.15 -11.16 -26.97
N MET A 167 -10.03 -11.18 -25.65
CA MET A 167 -11.08 -11.70 -24.79
C MET A 167 -11.08 -10.89 -23.51
N VAL A 168 -12.23 -10.30 -23.15
CA VAL A 168 -12.39 -9.58 -21.90
C VAL A 168 -13.29 -10.39 -20.98
N GLU A 169 -12.87 -10.54 -19.73
CA GLU A 169 -13.67 -11.22 -18.73
C GLU A 169 -14.54 -10.21 -18.00
N LYS A 170 -15.86 -10.42 -18.04
CA LYS A 170 -16.77 -9.63 -17.21
C LYS A 170 -16.67 -10.02 -15.75
N CYS A 171 -16.23 -11.24 -15.48
CA CYS A 171 -16.07 -11.75 -14.12
C CYS A 171 -14.89 -12.70 -14.10
N ASP A 172 -13.88 -12.35 -13.29
CA ASP A 172 -12.54 -12.93 -13.30
C ASP A 172 -12.29 -13.52 -11.91
N PRO A 173 -12.64 -14.78 -11.68
CA PRO A 173 -12.72 -15.28 -10.30
C PRO A 173 -11.39 -15.28 -9.56
N ILE A 174 -10.28 -15.44 -10.29
CA ILE A 174 -8.95 -15.31 -9.70
C ILE A 174 -8.73 -13.88 -9.21
N TYR A 175 -9.09 -12.91 -10.06
CA TYR A 175 -8.94 -11.51 -9.69
C TYR A 175 -9.82 -11.13 -8.50
N VAL A 176 -11.02 -11.71 -8.42
CA VAL A 176 -11.88 -11.47 -7.27
C VAL A 176 -11.25 -12.06 -6.02
N ARG A 177 -10.84 -13.34 -6.11
CA ARG A 177 -10.17 -13.95 -4.98
C ARG A 177 -8.96 -13.15 -4.53
N ALA A 178 -8.17 -12.66 -5.48
CA ALA A 178 -7.04 -11.82 -5.13
C ALA A 178 -7.48 -10.68 -4.25
N GLN A 179 -8.46 -9.89 -4.73
CA GLN A 179 -8.98 -8.77 -3.95
C GLN A 179 -9.46 -9.20 -2.56
N LEU A 180 -10.09 -10.36 -2.45
CA LEU A 180 -10.59 -10.74 -1.14
C LEU A 180 -9.46 -11.18 -0.23
N ARG A 181 -8.48 -11.89 -0.78
CA ARG A 181 -7.30 -12.21 -0.01
C ARG A 181 -6.70 -10.95 0.59
N SER A 182 -6.50 -9.92 -0.23
CA SER A 182 -5.94 -8.67 0.27
C SER A 182 -6.88 -7.95 1.24
N ILE A 183 -8.17 -8.27 1.27
CA ILE A 183 -9.01 -7.58 2.23
C ILE A 183 -9.03 -8.30 3.56
N CYS A 184 -9.01 -9.62 3.54
CA CYS A 184 -9.08 -10.37 4.78
C CYS A 184 -7.77 -10.35 5.56
N LYS A 185 -6.62 -10.29 4.86
CA LYS A 185 -5.34 -10.45 5.54
C LYS A 185 -4.93 -9.15 6.22
N ASN A 186 -5.30 -8.03 5.65
CA ASN A 186 -5.07 -6.73 6.23
C ASN A 186 -6.24 -6.38 7.15
N THR A 187 -6.20 -5.18 7.70
CA THR A 187 -7.30 -4.59 8.45
C THR A 187 -7.68 -3.30 7.76
N SER A 188 -8.59 -2.54 8.36
CA SER A 188 -9.21 -1.41 7.69
C SER A 188 -9.53 -0.29 8.70
N TYR A 189 -9.95 0.87 8.18
CA TYR A 189 -10.52 1.92 9.02
C TYR A 189 -11.41 2.80 8.18
N ILE A 190 -12.34 3.50 8.83
CA ILE A 190 -13.34 4.32 8.17
C ILE A 190 -13.01 5.77 8.48
N PRO A 191 -12.55 6.56 7.51
CA PRO A 191 -12.16 7.94 7.81
C PRO A 191 -13.32 8.71 8.40
N ASN A 192 -12.99 9.68 9.25
CA ASN A 192 -13.97 10.49 9.95
C ASN A 192 -13.36 11.84 10.26
N ASN A 193 -14.21 12.74 10.73
CA ASN A 193 -13.74 13.97 11.37
C ASN A 193 -13.88 13.83 12.88
N ASP A 194 -13.13 12.87 13.41
CA ASP A 194 -13.34 12.44 14.78
C ASP A 194 -12.05 12.59 15.58
N ASN A 195 -12.25 12.74 16.90
CA ASN A 195 -11.16 12.80 17.85
C ASN A 195 -10.43 11.47 18.01
N CYS A 196 -11.13 10.36 17.82
CA CYS A 196 -10.55 9.05 17.99
C CYS A 196 -10.89 8.20 16.76
N LEU A 197 -10.37 6.97 16.74
CA LEU A 197 -10.51 6.06 15.61
C LEU A 197 -10.29 4.64 16.10
N SER A 198 -11.21 3.74 15.78
CA SER A 198 -11.07 2.36 16.20
C SER A 198 -10.63 1.51 15.01
N VAL A 199 -9.89 0.45 15.29
CA VAL A 199 -9.30 -0.41 14.27
C VAL A 199 -9.15 -1.82 14.85
N ARG A 200 -9.71 -2.82 14.16
CA ARG A 200 -9.59 -4.20 14.61
C ARG A 200 -8.17 -4.71 14.36
N VAL A 201 -7.56 -5.33 15.37
CA VAL A 201 -6.15 -5.70 15.28
C VAL A 201 -5.92 -7.19 15.51
N GLY A 202 -6.95 -7.97 15.85
CA GLY A 202 -6.74 -9.38 16.09
C GLY A 202 -8.02 -10.10 16.49
N TYR A 203 -7.89 -11.42 16.55
CA TYR A 203 -8.98 -12.31 16.91
C TYR A 203 -8.54 -13.11 18.14
N ILE A 204 -9.32 -13.04 19.21
CA ILE A 204 -8.95 -13.75 20.42
C ILE A 204 -8.79 -15.23 20.09
N GLN A 205 -7.65 -15.80 20.50
CA GLN A 205 -7.21 -17.17 20.26
C GLN A 205 -6.57 -17.36 18.89
N LYS A 206 -7.06 -16.66 17.88
CA LYS A 206 -6.48 -16.83 16.55
C LYS A 206 -5.12 -16.15 16.44
N HIS A 207 -4.87 -15.11 17.22
CA HIS A 207 -3.59 -14.42 17.19
C HIS A 207 -2.92 -14.44 18.54
N SER A 208 -1.62 -14.71 18.54
CA SER A 208 -0.83 -14.64 19.75
C SER A 208 -0.59 -13.18 20.14
N ILE A 209 -0.11 -12.98 21.38
CA ILE A 209 0.20 -11.63 21.85
C ILE A 209 1.20 -10.92 20.93
N PRO A 210 2.25 -11.57 20.44
CA PRO A 210 3.14 -10.87 19.49
C PRO A 210 2.49 -10.55 18.17
N GLU A 211 1.63 -11.43 17.65
CA GLU A 211 1.04 -11.13 16.36
C GLU A 211 0.11 -9.94 16.46
N ILE A 212 -0.75 -9.93 17.49
CA ILE A 212 -1.58 -8.76 17.78
C ILE A 212 -0.72 -7.51 17.85
N LEU A 213 0.28 -7.50 18.74
CA LEU A 213 1.12 -6.33 18.95
C LEU A 213 1.75 -5.88 17.65
N GLN A 214 2.29 -6.81 16.86
CA GLN A 214 2.81 -6.44 15.55
C GLN A 214 1.73 -5.78 14.69
N ASN A 215 0.49 -6.29 14.75
CA ASN A 215 -0.59 -5.67 13.99
C ASN A 215 -0.83 -4.24 14.47
N ILE A 216 -0.74 -4.01 15.78
CA ILE A 216 -1.00 -2.68 16.30
C ILE A 216 0.07 -1.70 15.85
N GLN A 217 1.32 -2.12 15.88
CA GLN A 217 2.39 -1.25 15.43
C GLN A 217 2.24 -0.94 13.94
N ASP A 218 1.94 -1.97 13.12
CA ASP A 218 1.65 -1.73 11.71
C ASP A 218 0.54 -0.73 11.58
N THR A 219 -0.52 -0.88 12.36
CA THR A 219 -1.60 0.07 12.29
C THR A 219 -1.07 1.46 12.59
N ILE A 220 -0.31 1.59 13.68
CA ILE A 220 0.19 2.90 14.08
C ILE A 220 1.18 3.44 13.06
N ASN A 221 2.14 2.61 12.65
CA ASN A 221 3.14 3.12 11.70
C ASN A 221 2.46 3.66 10.45
N PHE A 222 1.52 2.88 9.89
CA PHE A 222 0.84 3.30 8.66
C PHE A 222 0.05 4.59 8.89
N LEU A 223 -0.77 4.62 9.97
CA LEU A 223 -1.66 5.74 10.22
C LEU A 223 -0.95 7.05 10.55
N THR A 224 0.36 7.01 10.88
CA THR A 224 1.14 8.20 11.22
C THR A 224 2.28 8.42 10.24
N ASP A 225 2.27 7.74 9.10
CA ASP A 225 3.34 7.87 8.10
C ASP A 225 2.86 8.83 7.01
N LYS A 226 3.45 10.03 7.01
CA LYS A 226 3.03 11.06 6.07
C LYS A 226 3.41 10.72 4.63
N SER A 227 4.33 9.77 4.43
CA SER A 227 4.68 9.38 3.07
C SER A 227 3.58 8.56 2.41
N LYS A 228 2.77 7.88 3.22
CA LYS A 228 1.70 7.00 2.77
C LYS A 228 0.38 7.74 2.59
N ARG A 229 0.42 9.06 2.40
CA ARG A 229 -0.80 9.80 2.17
C ARG A 229 -1.30 9.55 0.75
N PRO A 230 -2.62 9.55 0.56
CA PRO A 230 -3.66 10.07 1.46
C PRO A 230 -4.31 9.07 2.41
N GLN A 231 -4.06 7.77 2.29
CA GLN A 231 -4.76 6.83 3.13
C GLN A 231 -4.12 6.73 4.50
N GLY A 232 -2.79 6.57 4.52
CA GLY A 232 -2.02 6.61 5.75
C GLY A 232 -1.66 8.03 6.11
N GLY A 233 -0.90 8.15 7.19
CA GLY A 233 -0.52 9.47 7.67
C GLY A 233 -1.71 10.38 7.88
N VAL A 234 -2.82 9.83 8.34
CA VAL A 234 -4.02 10.63 8.47
C VAL A 234 -4.18 11.19 9.87
N ILE A 235 -3.53 10.58 10.87
CA ILE A 235 -3.69 11.02 12.24
C ILE A 235 -3.16 12.44 12.40
N LYS A 236 -3.94 13.30 13.05
CA LYS A 236 -3.59 14.70 13.16
C LYS A 236 -3.49 15.10 14.63
N GLY A 237 -2.45 15.87 14.96
CA GLY A 237 -2.25 16.34 16.31
C GLY A 237 -1.55 15.39 17.27
N GLY A 238 -0.88 14.36 16.76
CA GLY A 238 -0.27 13.34 17.59
C GLY A 238 -1.27 12.35 18.17
N ILE A 239 -0.74 11.36 18.87
CA ILE A 239 -1.52 10.32 19.53
C ILE A 239 -1.47 10.57 21.04
N ILE A 240 -2.64 10.86 21.62
CA ILE A 240 -2.74 11.03 23.06
C ILE A 240 -2.70 9.70 23.76
N SER A 241 -3.50 8.73 23.31
CA SER A 241 -3.45 7.39 23.90
C SER A 241 -3.96 6.36 22.90
N ILE A 242 -3.71 5.08 23.24
CA ILE A 242 -4.20 3.90 22.53
C ILE A 242 -4.66 2.87 23.56
N PHE A 243 -5.92 2.49 23.51
CA PHE A 243 -6.46 1.45 24.37
C PHE A 243 -6.76 0.19 23.55
N VAL A 244 -6.86 -0.94 24.25
CA VAL A 244 -7.17 -2.22 23.64
C VAL A 244 -8.43 -2.73 24.31
N LYS A 245 -9.21 -3.52 23.57
CA LYS A 245 -10.59 -3.74 23.95
C LYS A 245 -11.14 -4.91 23.17
N THR A 246 -12.08 -5.63 23.77
CA THR A 246 -13.06 -6.42 23.05
C THR A 246 -14.41 -5.76 23.25
N SER A 247 -15.45 -6.31 22.63
CA SER A 247 -16.77 -5.66 22.66
C SER A 247 -17.25 -5.45 24.09
N ASN A 248 -17.06 -6.46 24.94
CA ASN A 248 -17.60 -6.49 26.28
C ASN A 248 -16.59 -6.19 27.36
N SER A 249 -15.30 -6.18 27.04
CA SER A 249 -14.28 -6.06 28.07
C SER A 249 -14.05 -4.60 28.46
N THR A 250 -13.11 -4.41 29.37
CA THR A 250 -12.64 -3.11 29.81
C THR A 250 -11.64 -2.56 28.81
N SER A 251 -11.54 -1.23 28.79
CA SER A 251 -10.65 -0.55 27.85
C SER A 251 -9.30 -0.37 28.53
N LEU A 252 -8.30 -1.26 28.18
CA LEU A 252 -6.98 -1.32 28.81
C LEU A 252 -5.98 -0.43 28.08
N PRO A 253 -5.21 0.41 28.78
CA PRO A 253 -4.28 1.31 28.07
C PRO A 253 -3.09 0.54 27.51
N ILE A 254 -2.83 0.76 26.23
CA ILE A 254 -1.71 0.22 25.51
C ILE A 254 -0.56 1.22 25.47
N TYR A 255 -0.90 2.51 25.40
CA TYR A 255 0.09 3.57 25.30
C TYR A 255 -0.53 4.85 25.81
N GLN A 256 0.15 5.49 26.75
CA GLN A 256 -0.16 6.85 27.14
C GLN A 256 1.09 7.71 27.09
N GLY B 11 1.08 -13.19 -26.88
CA GLY B 11 0.08 -12.21 -27.24
C GLY B 11 0.71 -10.90 -27.67
N LEU B 12 -0.10 -9.87 -27.84
CA LEU B 12 0.43 -8.56 -28.23
C LEU B 12 1.45 -8.05 -27.21
N ALA B 13 1.09 -8.07 -25.92
CA ALA B 13 1.99 -7.58 -24.87
C ALA B 13 3.29 -8.37 -24.82
N GLU B 14 3.20 -9.70 -24.77
CA GLU B 14 4.39 -10.53 -24.83
C GLU B 14 5.23 -10.18 -26.06
N LYS B 15 4.56 -9.92 -27.19
CA LYS B 15 5.27 -9.60 -28.42
C LYS B 15 6.05 -8.29 -28.30
N ALA B 16 5.44 -7.25 -27.72
CA ALA B 16 6.10 -5.96 -27.62
C ALA B 16 7.31 -6.03 -26.70
N LEU B 17 7.16 -6.67 -25.53
CA LEU B 17 8.29 -6.77 -24.62
C LEU B 17 9.48 -7.39 -25.32
N LYS B 18 9.25 -8.50 -26.03
CA LYS B 18 10.34 -9.14 -26.76
C LYS B 18 10.98 -8.19 -27.77
N ALA B 19 10.18 -7.43 -28.51
CA ALA B 19 10.76 -6.52 -29.48
C ALA B 19 11.66 -5.48 -28.82
N LEU B 20 11.31 -5.03 -27.61
CA LEU B 20 12.12 -4.01 -26.95
C LEU B 20 13.46 -4.57 -26.49
N ILE B 21 13.45 -5.73 -25.83
CA ILE B 21 14.71 -6.33 -25.39
C ILE B 21 15.60 -6.60 -26.59
N LEU B 22 15.02 -7.10 -27.68
CA LEU B 22 15.80 -7.28 -28.89
C LEU B 22 16.31 -5.94 -29.42
N GLN B 23 15.49 -4.90 -29.37
CA GLN B 23 15.93 -3.59 -29.83
C GLN B 23 17.10 -3.08 -29.00
N CYS B 24 17.06 -3.34 -27.68
CA CYS B 24 18.10 -2.85 -26.79
C CYS B 24 19.40 -3.61 -26.92
N GLU B 25 19.36 -4.82 -27.45
CA GLU B 25 20.58 -5.60 -27.66
C GLU B 25 20.99 -5.65 -29.12
N GLU B 26 20.35 -4.89 -30.00
CA GLU B 26 20.73 -4.84 -31.41
C GLU B 26 21.12 -3.44 -31.89
N ASN B 27 20.60 -2.39 -31.25
CA ASN B 27 20.97 -1.02 -31.58
C ASN B 27 21.94 -0.48 -30.54
N PRO B 28 23.10 0.05 -30.96
CA PRO B 28 24.08 0.54 -29.98
C PRO B 28 23.61 1.73 -29.16
N SER B 29 22.74 2.57 -29.72
CA SER B 29 22.19 3.72 -28.99
C SER B 29 21.50 3.30 -27.69
N LEU B 30 21.22 2.02 -27.54
CA LEU B 30 20.46 1.53 -26.40
C LEU B 30 21.31 0.70 -25.44
N LYS B 31 22.62 0.66 -25.65
CA LYS B 31 23.45 -0.27 -24.88
C LYS B 31 23.51 0.11 -23.41
N ASN B 32 23.23 1.38 -23.08
CA ASN B 32 23.14 1.84 -21.70
C ASN B 32 21.70 1.99 -21.22
N ASP B 33 20.73 1.67 -22.06
CA ASP B 33 19.35 1.59 -21.59
C ASP B 33 19.19 0.32 -20.78
N LYS B 34 18.68 0.48 -19.57
CA LYS B 34 18.45 -0.66 -18.69
C LYS B 34 17.08 -0.63 -18.04
N ASP B 35 16.63 0.53 -17.57
CA ASP B 35 15.29 0.63 -17.02
C ASP B 35 14.23 0.36 -18.10
N ILE B 36 13.10 -0.18 -17.67
CA ILE B 36 11.98 -0.41 -18.56
C ILE B 36 10.79 0.32 -17.97
N HIS B 37 10.22 1.22 -18.74
CA HIS B 37 9.06 1.99 -18.32
C HIS B 37 7.84 1.55 -19.11
N ILE B 38 6.68 1.74 -18.51
CA ILE B 38 5.44 1.73 -19.25
C ILE B 38 4.89 3.14 -19.15
N ILE B 39 4.22 3.58 -20.22
CA ILE B 39 3.56 4.87 -20.27
C ILE B 39 2.07 4.56 -20.32
N ILE B 40 1.35 4.96 -19.28
CA ILE B 40 -0.08 4.71 -19.21
C ILE B 40 -0.79 5.96 -19.64
N ASN B 41 -1.53 5.88 -20.74
CA ASN B 41 -2.30 7.03 -21.21
C ASN B 41 -3.71 6.88 -20.71
N THR B 42 -4.27 7.98 -20.21
CA THR B 42 -5.59 7.91 -19.59
C THR B 42 -6.56 8.85 -20.28
N GLY B 43 -7.86 8.55 -20.08
CA GLY B 43 -8.89 9.41 -20.65
C GLY B 43 -8.99 10.76 -19.98
N LYS B 44 -8.68 10.81 -18.69
CA LYS B 44 -8.74 12.03 -17.92
C LYS B 44 -7.42 12.21 -17.20
N LYS B 45 -7.25 13.42 -16.67
CA LYS B 45 -6.03 13.81 -15.96
C LYS B 45 -6.12 13.37 -14.50
N MET B 46 -5.01 12.85 -13.98
CA MET B 46 -5.06 12.20 -12.68
C MET B 46 -5.53 13.14 -11.60
N GLY B 47 -5.25 14.44 -11.71
CA GLY B 47 -5.82 15.41 -10.81
C GLY B 47 -5.12 15.54 -9.48
N ILE B 48 -3.83 15.23 -9.39
CA ILE B 48 -3.06 15.36 -8.15
C ILE B 48 -1.89 16.29 -8.43
N ASN B 49 -2.08 17.57 -8.25
CA ASN B 49 -0.98 18.48 -8.53
C ASN B 49 -0.25 18.83 -7.26
N ARG B 50 1.00 19.27 -7.42
CA ARG B 50 1.86 19.67 -6.31
C ARG B 50 2.00 18.55 -5.28
N ASP B 51 2.52 17.40 -5.73
CA ASP B 51 2.91 16.40 -4.74
C ASP B 51 4.42 16.15 -4.72
N ASN B 52 4.95 15.37 -5.66
CA ASN B 52 6.36 15.01 -5.90
C ASN B 52 6.89 13.98 -4.90
N ILE B 53 6.14 13.57 -3.89
CA ILE B 53 6.55 12.51 -2.99
C ILE B 53 6.25 11.17 -3.67
N PRO B 54 7.25 10.45 -4.17
CA PRO B 54 6.98 9.12 -4.74
C PRO B 54 6.02 8.32 -3.86
N ARG B 55 5.14 7.57 -4.52
CA ARG B 55 4.22 6.66 -3.84
C ARG B 55 4.57 5.23 -4.24
N ILE B 56 4.67 4.35 -3.26
CA ILE B 56 5.09 2.99 -3.52
C ILE B 56 3.96 2.22 -4.20
N ILE B 57 4.30 1.54 -5.31
CA ILE B 57 3.35 0.71 -6.08
C ILE B 57 3.70 -0.75 -5.79
N PRO B 58 2.88 -1.50 -5.04
CA PRO B 58 3.31 -2.83 -4.58
C PRO B 58 3.40 -3.86 -5.70
N LEU B 59 4.46 -4.66 -5.66
CA LEU B 59 4.63 -5.78 -6.57
C LEU B 59 4.44 -7.07 -5.78
N THR B 60 3.50 -7.90 -6.26
CA THR B 60 3.12 -9.11 -5.53
C THR B 60 4.12 -10.22 -5.76
N LYS B 61 4.34 -10.57 -7.01
CA LYS B 61 5.00 -11.82 -7.33
C LYS B 61 6.49 -11.66 -7.51
N TYR B 62 6.96 -10.50 -7.95
CA TYR B 62 8.37 -10.34 -8.34
C TYR B 62 8.99 -9.15 -7.63
N LYS B 63 10.25 -9.30 -7.24
CA LYS B 63 11.04 -8.23 -6.66
C LYS B 63 11.66 -7.41 -7.79
N LEU B 64 11.66 -6.08 -7.63
CA LEU B 64 12.33 -5.21 -8.60
C LEU B 64 13.82 -5.13 -8.31
N PHE B 65 14.18 -4.78 -7.08
CA PHE B 65 15.56 -4.74 -6.64
C PHE B 65 15.62 -5.26 -5.21
N LYS B 66 16.78 -5.94 -4.87
CA LYS B 66 17.23 -6.15 -3.51
C LYS B 66 18.11 -4.96 -3.10
N PRO B 67 18.05 -4.49 -1.85
CA PRO B 67 18.84 -3.28 -1.50
C PRO B 67 20.31 -3.39 -1.85
N ARG B 68 20.88 -4.60 -1.82
CA ARG B 68 22.27 -4.81 -2.23
C ARG B 68 22.54 -4.19 -3.58
N ASP B 69 21.54 -4.16 -4.46
CA ASP B 69 21.73 -3.87 -5.87
C ASP B 69 21.96 -2.40 -6.18
N LEU B 70 21.65 -1.50 -5.25
CA LEU B 70 21.57 -0.07 -5.55
C LEU B 70 22.55 0.72 -4.68
N ASN B 71 23.07 1.81 -5.25
CA ASN B 71 23.87 2.78 -4.50
C ASN B 71 22.90 3.82 -3.95
N ILE B 72 22.60 3.71 -2.66
CA ILE B 72 21.50 4.45 -2.05
C ILE B 72 22.06 5.63 -1.27
N LEU B 73 21.50 6.81 -1.51
CA LEU B 73 21.87 8.01 -0.76
C LEU B 73 20.76 8.35 0.23
N LEU B 74 21.14 8.50 1.50
CA LEU B 74 20.22 8.88 2.56
C LEU B 74 20.52 10.31 2.97
N ILE B 75 19.47 11.11 3.18
CA ILE B 75 19.59 12.50 3.63
C ILE B 75 18.83 12.63 4.95
N THR B 76 19.56 12.91 6.04
CA THR B 76 18.96 12.93 7.37
C THR B 76 18.78 14.35 7.90
N LYS B 77 17.94 14.47 8.93
CA LYS B 77 17.91 15.68 9.74
C LYS B 77 19.27 15.86 10.44
N ASP B 78 19.42 16.88 11.29
CA ASP B 78 20.69 17.00 12.02
C ASP B 78 20.62 16.35 13.42
N PRO B 79 21.73 15.72 13.84
CA PRO B 79 23.00 15.72 13.12
C PRO B 79 23.26 14.43 12.35
N SER B 80 23.50 14.58 11.04
CA SER B 80 23.81 13.45 10.19
C SER B 80 24.77 12.45 10.82
N ALA B 81 25.64 12.87 11.73
CA ALA B 81 26.62 11.94 12.28
C ALA B 81 25.99 10.92 13.22
N LEU B 82 24.92 11.29 13.92
CA LEU B 82 24.25 10.30 14.77
C LEU B 82 23.58 9.21 13.95
N TYR B 83 22.76 9.62 12.97
CA TYR B 83 22.15 8.64 12.10
C TYR B 83 23.22 7.82 11.38
N ARG B 84 24.30 8.50 10.91
CA ARG B 84 25.34 7.78 10.19
C ARG B 84 26.01 6.74 11.08
N GLU B 85 26.21 7.06 12.36
CA GLU B 85 26.87 6.10 13.24
C GLU B 85 25.98 4.91 13.53
N THR B 86 24.69 5.16 13.75
CA THR B 86 23.75 4.10 14.12
C THR B 86 23.54 3.11 12.97
N LEU B 87 23.35 3.63 11.76
CA LEU B 87 23.02 2.79 10.61
C LEU B 87 24.24 2.08 10.06
N THR B 88 25.38 2.76 10.01
CA THR B 88 26.61 2.12 9.56
C THR B 88 27.19 1.18 10.57
N LYS B 89 26.51 0.82 11.68
CA LYS B 89 27.08 -0.17 12.57
C LYS B 89 26.06 -1.18 13.11
N ASP B 90 24.76 -0.92 13.03
CA ASP B 90 23.76 -1.89 13.45
C ASP B 90 23.59 -2.92 12.33
N GLU B 91 23.59 -4.20 12.69
CA GLU B 91 23.62 -5.26 11.69
C GLU B 91 22.42 -5.25 10.76
N HIS B 92 21.33 -4.57 11.12
CA HIS B 92 20.20 -4.50 10.20
C HIS B 92 20.49 -3.60 9.01
N THR B 93 21.35 -2.59 9.16
CA THR B 93 21.47 -1.61 8.10
C THR B 93 22.92 -1.28 7.74
N SER B 94 23.88 -2.14 8.09
CA SER B 94 25.28 -1.82 7.81
C SER B 94 25.51 -1.67 6.31
N GLU B 95 24.97 -2.61 5.54
CA GLU B 95 25.23 -2.62 4.11
C GLU B 95 24.01 -2.12 3.35
N LEU B 96 23.56 -0.90 3.64
CA LEU B 96 22.38 -0.35 2.99
C LEU B 96 22.70 0.89 2.17
N PHE B 97 23.27 1.91 2.79
CA PHE B 97 23.43 3.20 2.14
C PHE B 97 24.85 3.35 1.67
N LYS B 98 25.01 3.88 0.46
CA LYS B 98 26.35 4.18 -0.01
C LYS B 98 26.87 5.42 0.69
N GLU B 99 25.95 6.30 1.09
CA GLU B 99 26.31 7.48 1.86
C GLU B 99 25.13 7.88 2.73
N ILE B 100 25.47 8.59 3.80
CA ILE B 100 24.52 9.13 4.76
C ILE B 100 24.97 10.55 5.05
N ILE B 101 24.22 11.54 4.56
CA ILE B 101 24.68 12.92 4.55
C ILE B 101 23.56 13.85 5.03
N SER B 102 23.93 15.10 5.27
CA SER B 102 23.03 16.11 5.77
C SER B 102 22.51 16.98 4.62
N VAL B 103 21.52 17.81 4.93
CA VAL B 103 21.00 18.72 3.93
C VAL B 103 22.09 19.65 3.43
N LYS B 104 23.04 20.01 4.30
CA LYS B 104 24.09 20.95 3.91
C LYS B 104 25.09 20.30 2.97
N ASN B 105 25.66 19.15 3.38
CA ASN B 105 26.54 18.38 2.47
C ASN B 105 25.87 18.12 1.13
N LEU B 106 24.53 18.02 1.11
CA LEU B 106 23.80 17.77 -0.13
C LEU B 106 23.81 19.00 -1.02
N ARG B 107 23.50 20.16 -0.44
CA ARG B 107 23.51 21.42 -1.21
C ARG B 107 24.88 21.73 -1.77
N ARG B 108 25.90 21.65 -0.91
CA ARG B 108 27.27 21.88 -1.36
C ARG B 108 27.67 20.93 -2.47
N ARG B 109 27.27 19.65 -2.37
CA ARG B 109 27.86 18.67 -3.27
C ARG B 109 27.20 18.65 -4.64
N PHE B 110 25.93 19.00 -4.73
CA PHE B 110 25.17 18.92 -5.96
C PHE B 110 24.64 20.30 -6.34
N LYS B 111 25.52 21.30 -6.18
CA LYS B 111 25.19 22.69 -6.45
C LYS B 111 25.45 23.00 -7.92
N GLY B 112 24.43 23.53 -8.60
CA GLY B 112 24.59 23.92 -9.98
C GLY B 112 24.83 22.71 -10.86
N SER B 113 25.86 22.81 -11.71
CA SER B 113 26.12 21.78 -12.70
C SER B 113 26.47 20.42 -12.09
N LYS B 114 26.64 20.34 -10.76
CA LYS B 114 26.96 19.06 -10.14
C LYS B 114 25.75 18.15 -9.96
N LEU B 115 24.52 18.68 -10.03
CA LEU B 115 23.30 17.89 -9.85
C LEU B 115 23.20 16.73 -10.85
N THR B 116 23.85 16.83 -12.01
CA THR B 116 23.71 15.75 -12.98
C THR B 116 24.25 14.43 -12.44
N GLN B 117 25.22 14.49 -11.51
CA GLN B 117 25.87 13.29 -11.00
C GLN B 117 25.19 12.70 -9.78
N LEU B 118 24.18 13.38 -9.24
CA LEU B 118 23.38 12.77 -8.18
C LEU B 118 22.89 11.38 -8.58
N TYR B 119 22.25 11.27 -9.75
CA TYR B 119 21.66 10.00 -10.17
C TYR B 119 22.57 9.22 -11.10
N LYS B 120 23.82 9.65 -11.23
CA LYS B 120 24.89 8.79 -11.72
C LYS B 120 25.64 8.14 -10.57
N ASP B 121 25.89 8.91 -9.50
CA ASP B 121 26.52 8.39 -8.29
C ASP B 121 25.57 7.57 -7.45
N PHE B 122 24.26 7.73 -7.64
CA PHE B 122 23.27 6.99 -6.87
C PHE B 122 22.11 6.54 -7.77
N ASP B 123 21.57 5.37 -7.45
CA ASP B 123 20.37 4.86 -8.12
C ASP B 123 19.10 5.14 -7.34
N LEU B 124 19.22 5.43 -6.05
CA LEU B 124 18.07 5.61 -5.16
C LEU B 124 18.44 6.64 -4.12
N VAL B 125 17.62 7.69 -4.04
CA VAL B 125 17.78 8.76 -3.07
C VAL B 125 16.60 8.70 -2.12
N VAL B 126 16.89 8.66 -0.85
CA VAL B 126 15.87 8.58 0.18
C VAL B 126 16.19 9.66 1.19
N ALA B 127 15.16 10.25 1.79
CA ALA B 127 15.38 11.36 2.72
C ALA B 127 14.43 11.28 3.91
N ASP B 128 14.99 11.53 5.10
CA ASP B 128 14.21 11.74 6.32
C ASP B 128 13.02 12.63 6.03
N TYR B 129 11.85 12.23 6.54
CA TYR B 129 10.66 12.98 6.16
C TYR B 129 10.70 14.40 6.68
N ARG B 130 11.55 14.67 7.67
CA ARG B 130 11.59 15.98 8.33
C ARG B 130 12.36 17.00 7.52
N VAL B 131 13.29 16.57 6.66
CA VAL B 131 14.02 17.48 5.77
C VAL B 131 13.50 17.43 4.34
N HIS B 132 12.44 16.67 4.07
CA HIS B 132 11.99 16.46 2.70
C HIS B 132 11.57 17.77 2.04
N HIS B 133 10.86 18.62 2.77
CA HIS B 133 10.29 19.84 2.21
C HIS B 133 11.32 20.91 1.94
N LEU B 134 12.60 20.53 1.93
CA LEU B 134 13.69 21.41 1.55
C LEU B 134 14.38 20.98 0.28
N LEU B 135 14.29 19.69 -0.05
CA LEU B 135 14.92 19.20 -1.27
C LEU B 135 14.46 19.95 -2.52
N PRO B 136 13.20 20.39 -2.66
CA PRO B 136 12.87 21.26 -3.80
C PRO B 136 13.71 22.52 -3.88
N GLU B 137 13.80 23.31 -2.80
CA GLU B 137 14.57 24.55 -2.86
C GLU B 137 16.07 24.33 -2.84
N VAL B 138 16.51 23.07 -2.85
CA VAL B 138 17.92 22.75 -2.91
C VAL B 138 18.23 22.29 -4.33
N LEU B 139 17.61 21.18 -4.75
CA LEU B 139 17.88 20.64 -6.09
C LEU B 139 17.28 21.50 -7.19
N GLY B 140 16.41 22.46 -6.85
CA GLY B 140 15.80 23.32 -7.85
C GLY B 140 14.61 22.69 -8.52
N SER B 141 13.95 23.48 -9.37
CA SER B 141 12.78 23.00 -10.12
C SER B 141 13.14 21.93 -11.16
N ARG B 142 13.83 20.88 -10.71
CA ARG B 142 14.07 19.65 -11.45
C ARG B 142 12.97 18.62 -11.22
N PHE B 143 11.97 18.94 -10.39
CA PHE B 143 11.02 17.95 -9.92
C PHE B 143 9.94 17.62 -10.97
N TYR B 144 10.06 18.19 -12.16
CA TYR B 144 9.38 17.64 -13.33
C TYR B 144 10.32 17.71 -14.54
N SER B 147 9.65 14.54 -12.53
CA SER B 147 10.93 14.04 -13.01
C SER B 147 10.86 12.53 -13.22
N LYS B 148 11.97 11.98 -13.71
CA LYS B 148 12.10 10.53 -13.82
C LYS B 148 12.15 9.97 -12.40
N LYS B 149 13.32 10.06 -11.75
CA LYS B 149 13.51 9.66 -10.37
C LYS B 149 13.53 10.89 -9.45
N LEU B 150 12.98 10.73 -8.25
CA LEU B 150 12.87 11.80 -7.27
C LEU B 150 13.13 11.22 -5.88
N PRO B 151 13.42 12.08 -4.90
CA PRO B 151 13.78 11.54 -3.57
C PRO B 151 12.58 10.90 -2.88
N TYR B 152 12.84 9.75 -2.28
CA TYR B 152 11.87 9.08 -1.45
C TYR B 152 11.87 9.66 -0.04
N MET B 153 10.74 9.44 0.64
CA MET B 153 10.49 9.97 1.97
C MET B 153 10.33 8.83 2.95
N ILE B 154 11.19 8.79 3.98
CA ILE B 154 11.16 7.75 4.98
C ILE B 154 11.25 8.38 6.37
N ARG B 155 11.18 7.52 7.38
CA ARG B 155 11.18 7.91 8.78
C ARG B 155 12.35 7.24 9.50
N MET B 156 13.08 8.00 10.33
CA MET B 156 14.18 7.46 11.11
C MET B 156 13.71 6.75 12.36
N SER B 157 12.45 6.94 12.77
CA SER B 157 11.96 6.29 13.97
C SER B 157 10.45 6.21 13.92
N LYS B 158 9.91 5.18 14.58
CA LYS B 158 8.46 5.08 14.67
C LYS B 158 7.90 6.28 15.41
N GLU B 159 6.70 6.69 15.01
CA GLU B 159 6.06 7.78 15.70
C GLU B 159 5.69 7.38 17.12
N VAL B 160 5.33 6.10 17.30
CA VAL B 160 5.10 5.51 18.62
C VAL B 160 5.57 4.07 18.53
N LYS B 161 6.42 3.64 19.45
CA LYS B 161 6.89 2.26 19.47
C LYS B 161 6.31 1.63 20.73
N LEU B 162 5.59 0.52 20.55
CA LEU B 162 4.82 -0.10 21.61
C LEU B 162 5.63 -1.08 22.46
N LYS B 163 6.77 -1.53 21.97
CA LYS B 163 7.67 -2.34 22.78
C LYS B 163 8.77 -1.44 23.35
N ARG B 164 9.24 -1.80 24.55
CA ARG B 164 10.30 -1.06 25.25
C ARG B 164 10.02 0.44 25.24
N GLN B 165 8.94 0.79 25.94
CA GLN B 165 8.53 2.18 25.95
C GLN B 165 9.37 3.04 26.87
N GLN B 166 10.22 2.45 27.72
CA GLN B 166 11.18 3.27 28.44
C GLN B 166 12.24 3.86 27.51
N MET B 167 12.25 3.47 26.24
CA MET B 167 13.31 3.88 25.33
C MET B 167 12.74 4.41 24.02
N VAL B 168 13.17 5.61 23.66
CA VAL B 168 12.76 6.30 22.44
C VAL B 168 13.96 6.32 21.51
N GLU B 169 13.87 5.57 20.41
CA GLU B 169 14.95 5.55 19.45
C GLU B 169 14.87 6.78 18.57
N LYS B 170 15.98 7.49 18.44
CA LYS B 170 15.99 8.59 17.49
C LYS B 170 16.16 8.02 16.10
N CYS B 171 16.92 6.93 16.00
CA CYS B 171 17.18 6.21 14.77
C CYS B 171 16.93 4.73 15.04
N ASP B 172 16.07 4.10 14.23
CA ASP B 172 15.57 2.74 14.42
C ASP B 172 15.99 1.91 13.21
N PRO B 173 17.21 1.39 13.19
CA PRO B 173 17.66 0.60 12.02
C PRO B 173 16.69 -0.49 11.57
N ILE B 174 15.95 -1.11 12.49
CA ILE B 174 14.98 -2.13 12.11
C ILE B 174 13.89 -1.50 11.25
N TYR B 175 13.35 -0.36 11.70
CA TYR B 175 12.32 0.35 10.94
C TYR B 175 12.86 0.87 9.63
N VAL B 176 14.14 1.30 9.62
CA VAL B 176 14.69 1.86 8.40
C VAL B 176 14.94 0.75 7.39
N ARG B 177 15.49 -0.37 7.85
CA ARG B 177 15.68 -1.50 6.96
C ARG B 177 14.36 -1.95 6.34
N ALA B 178 13.28 -1.97 7.14
CA ALA B 178 11.98 -2.37 6.64
C ALA B 178 11.45 -1.40 5.60
N GLN B 179 11.55 -0.10 5.86
CA GLN B 179 11.10 0.89 4.88
C GLN B 179 11.90 0.78 3.60
N LEU B 180 13.17 0.48 3.73
CA LEU B 180 14.00 0.58 2.55
C LEU B 180 13.83 -0.65 1.68
N ARG B 181 13.58 -1.79 2.31
CA ARG B 181 13.28 -3.00 1.55
C ARG B 181 12.03 -2.79 0.71
N SER B 182 10.99 -2.21 1.33
CA SER B 182 9.77 -1.89 0.62
C SER B 182 10.02 -0.97 -0.56
N ILE B 183 10.97 -0.04 -0.45
CA ILE B 183 11.26 0.86 -1.56
C ILE B 183 11.98 0.13 -2.69
N CYS B 184 12.95 -0.71 -2.35
CA CYS B 184 13.71 -1.43 -3.35
C CYS B 184 12.93 -2.60 -3.97
N LYS B 185 12.15 -3.34 -3.17
CA LYS B 185 11.47 -4.51 -3.73
C LYS B 185 10.38 -4.10 -4.71
N ASN B 186 9.74 -2.97 -4.50
CA ASN B 186 8.60 -2.60 -5.34
C ASN B 186 8.98 -1.50 -6.33
N THR B 187 7.98 -0.82 -6.88
CA THR B 187 8.16 0.25 -7.84
C THR B 187 7.29 1.40 -7.35
N SER B 188 7.08 2.43 -8.16
CA SER B 188 6.49 3.64 -7.60
C SER B 188 6.07 4.55 -8.73
N TYR B 189 5.24 5.54 -8.40
CA TYR B 189 4.85 6.58 -9.34
C TYR B 189 4.85 7.93 -8.64
N ILE B 190 5.04 8.98 -9.43
CA ILE B 190 4.96 10.36 -8.96
C ILE B 190 3.58 10.89 -9.34
N PRO B 191 2.73 11.24 -8.39
CA PRO B 191 1.41 11.74 -8.77
C PRO B 191 1.54 13.05 -9.53
N ASN B 192 0.49 13.40 -10.23
CA ASN B 192 0.53 14.52 -11.17
C ASN B 192 -0.89 14.82 -11.63
N ASN B 193 -0.98 15.67 -12.62
CA ASN B 193 -2.24 16.01 -13.24
C ASN B 193 -2.01 15.94 -14.75
N ASP B 194 -1.92 14.72 -15.26
CA ASP B 194 -1.63 14.46 -16.67
C ASP B 194 -2.52 13.34 -17.18
N ASN B 195 -2.63 13.28 -18.51
CA ASN B 195 -3.18 12.12 -19.20
C ASN B 195 -2.19 10.97 -19.28
N CYS B 196 -0.94 11.20 -18.88
CA CYS B 196 0.07 10.17 -18.97
C CYS B 196 0.79 10.02 -17.65
N LEU B 197 1.21 8.79 -17.38
CA LEU B 197 1.94 8.42 -16.18
C LEU B 197 3.00 7.41 -16.58
N SER B 198 4.19 7.55 -16.03
CA SER B 198 5.25 6.60 -16.33
C SER B 198 5.54 5.78 -15.08
N VAL B 199 5.83 4.50 -15.25
CA VAL B 199 6.14 3.62 -14.13
C VAL B 199 7.22 2.65 -14.59
N ARG B 200 8.22 2.45 -13.75
CA ARG B 200 9.31 1.56 -14.08
C ARG B 200 8.89 0.15 -13.68
N VAL B 201 9.14 -0.82 -14.56
CA VAL B 201 8.62 -2.16 -14.35
C VAL B 201 9.68 -3.22 -14.50
N GLY B 202 10.92 -2.88 -14.83
CA GLY B 202 11.87 -3.96 -15.00
C GLY B 202 13.25 -3.43 -15.36
N TYR B 203 14.20 -4.37 -15.39
CA TYR B 203 15.60 -4.09 -15.67
C TYR B 203 16.07 -5.07 -16.74
N ILE B 204 16.56 -4.53 -17.87
CA ILE B 204 16.91 -5.34 -19.02
C ILE B 204 18.00 -6.34 -18.68
N GLN B 205 17.79 -7.59 -19.09
CA GLN B 205 18.68 -8.71 -18.77
C GLN B 205 18.97 -8.79 -17.28
N LYS B 206 18.00 -8.34 -16.48
CA LYS B 206 17.81 -8.76 -15.10
C LYS B 206 16.44 -9.39 -14.89
N HIS B 207 15.41 -8.92 -15.58
CA HIS B 207 14.06 -9.47 -15.50
C HIS B 207 13.68 -10.14 -16.82
N SER B 208 12.93 -11.24 -16.71
CA SER B 208 12.39 -11.93 -17.87
C SER B 208 11.12 -11.25 -18.38
N ILE B 209 10.68 -11.65 -19.59
CA ILE B 209 9.44 -11.11 -20.13
C ILE B 209 8.26 -11.41 -19.22
N PRO B 210 8.09 -12.61 -18.66
CA PRO B 210 6.96 -12.82 -17.73
C PRO B 210 7.07 -12.03 -16.43
N GLU B 211 8.28 -11.86 -15.90
CA GLU B 211 8.44 -11.03 -14.70
C GLU B 211 8.04 -9.59 -14.98
N ILE B 212 8.42 -9.06 -16.14
CA ILE B 212 8.04 -7.71 -16.51
C ILE B 212 6.55 -7.59 -16.69
N LEU B 213 5.92 -8.60 -17.32
CA LEU B 213 4.50 -8.52 -17.62
C LEU B 213 3.67 -8.56 -16.34
N GLN B 214 4.07 -9.41 -15.40
CA GLN B 214 3.43 -9.43 -14.08
C GLN B 214 3.61 -8.08 -13.35
N ASN B 215 4.81 -7.49 -13.42
CA ASN B 215 4.98 -6.21 -12.75
C ASN B 215 4.05 -5.18 -13.36
N ILE B 216 3.90 -5.20 -14.70
CA ILE B 216 2.99 -4.28 -15.37
C ILE B 216 1.55 -4.52 -14.95
N GLN B 217 1.18 -5.79 -14.73
CA GLN B 217 -0.19 -6.10 -14.37
C GLN B 217 -0.47 -5.71 -12.91
N ASP B 218 0.42 -6.08 -11.99
CA ASP B 218 0.42 -5.52 -10.64
C ASP B 218 0.23 -4.01 -10.67
N THR B 219 0.94 -3.35 -11.59
CA THR B 219 0.89 -1.90 -11.66
C THR B 219 -0.46 -1.44 -12.18
N ILE B 220 -0.97 -2.10 -13.20
CA ILE B 220 -2.27 -1.70 -13.73
C ILE B 220 -3.37 -1.97 -12.71
N ASN B 221 -3.31 -3.12 -12.04
CA ASN B 221 -4.33 -3.43 -11.04
C ASN B 221 -4.33 -2.41 -9.92
N PHE B 222 -3.15 -2.13 -9.37
CA PHE B 222 -3.05 -1.20 -8.25
C PHE B 222 -3.47 0.21 -8.65
N LEU B 223 -2.97 0.71 -9.79
CA LEU B 223 -3.30 2.08 -10.16
C LEU B 223 -4.77 2.25 -10.49
N THR B 224 -5.45 1.17 -10.87
CA THR B 224 -6.89 1.20 -11.13
C THR B 224 -7.67 0.41 -10.10
N ASP B 225 -7.07 0.10 -8.96
CA ASP B 225 -7.73 -0.63 -7.88
C ASP B 225 -8.88 0.18 -7.30
N LYS B 226 -9.93 -0.52 -6.85
CA LYS B 226 -11.10 0.11 -6.27
C LYS B 226 -11.32 -0.30 -4.82
N SER B 227 -10.54 -1.26 -4.32
CA SER B 227 -10.67 -1.75 -2.96
C SER B 227 -10.05 -0.83 -1.90
N LYS B 228 -9.61 0.38 -2.27
CA LYS B 228 -9.06 1.35 -1.33
C LYS B 228 -7.75 0.86 -0.70
N ARG B 229 -6.93 0.19 -1.50
CA ARG B 229 -5.55 -0.05 -1.13
C ARG B 229 -4.81 1.29 -1.07
N PRO B 230 -3.82 1.42 -0.19
CA PRO B 230 -3.18 2.74 0.00
C PRO B 230 -2.49 3.25 -1.25
N GLN B 231 -2.87 4.46 -1.66
CA GLN B 231 -2.27 5.26 -2.73
C GLN B 231 -2.59 4.73 -4.12
N GLY B 232 -3.41 3.67 -4.22
CA GLY B 232 -3.84 3.14 -5.49
C GLY B 232 -5.14 3.77 -5.98
N GLY B 233 -5.65 3.20 -7.08
CA GLY B 233 -6.91 3.63 -7.67
C GLY B 233 -6.94 5.09 -8.07
N VAL B 234 -5.81 5.63 -8.55
CA VAL B 234 -5.74 7.04 -8.90
C VAL B 234 -6.22 7.30 -10.32
N ILE B 235 -6.09 6.32 -11.22
CA ILE B 235 -6.30 6.60 -12.64
C ILE B 235 -7.73 7.06 -12.86
N LYS B 236 -7.89 8.08 -13.71
CA LYS B 236 -9.19 8.66 -14.01
C LYS B 236 -9.48 8.57 -15.49
N GLY B 237 -10.66 8.05 -15.80
CA GLY B 237 -11.12 7.97 -17.18
C GLY B 237 -10.57 6.81 -17.97
N GLY B 238 -10.52 5.62 -17.36
CA GLY B 238 -9.99 4.44 -18.02
C GLY B 238 -8.55 4.53 -18.48
N ILE B 239 -8.00 3.41 -18.93
CA ILE B 239 -6.69 3.39 -19.55
C ILE B 239 -6.91 3.36 -21.06
N ILE B 240 -6.47 4.40 -21.74
CA ILE B 240 -6.61 4.44 -23.18
C ILE B 240 -5.56 3.55 -23.83
N SER B 241 -4.28 3.74 -23.49
CA SER B 241 -3.26 2.83 -23.97
C SER B 241 -2.08 2.80 -23.02
N ILE B 242 -1.31 1.72 -23.11
CA ILE B 242 -0.09 1.50 -22.34
C ILE B 242 1.02 1.16 -23.33
N PHE B 243 2.09 1.93 -23.32
CA PHE B 243 3.26 1.66 -24.14
C PHE B 243 4.41 1.18 -23.29
N VAL B 244 5.45 0.70 -23.96
CA VAL B 244 6.63 0.20 -23.27
C VAL B 244 7.86 0.76 -23.98
N LYS B 245 8.84 1.20 -23.19
CA LYS B 245 10.02 1.84 -23.75
C LYS B 245 11.12 1.90 -22.70
N THR B 246 12.35 1.90 -23.15
CA THR B 246 13.44 2.37 -22.32
C THR B 246 13.69 3.85 -22.68
N SER B 247 14.76 4.43 -22.14
CA SER B 247 14.92 5.89 -22.24
C SER B 247 15.00 6.35 -23.69
N ASN B 248 15.73 5.62 -24.53
CA ASN B 248 16.00 6.02 -25.91
C ASN B 248 15.45 5.04 -26.94
N SER B 249 14.73 4.00 -26.50
CA SER B 249 14.05 3.11 -27.42
C SER B 249 12.79 3.78 -27.96
N THR B 250 12.06 3.03 -28.77
CA THR B 250 10.79 3.49 -29.30
C THR B 250 9.65 2.96 -28.42
N SER B 251 8.60 3.75 -28.27
CA SER B 251 7.46 3.28 -27.48
C SER B 251 6.71 2.24 -28.30
N LEU B 252 6.91 0.97 -27.96
CA LEU B 252 6.11 -0.11 -28.55
C LEU B 252 4.82 -0.28 -27.76
N PRO B 253 3.68 -0.37 -28.43
CA PRO B 253 2.41 -0.55 -27.71
C PRO B 253 2.31 -1.94 -27.09
N ILE B 254 1.85 -1.97 -25.85
CA ILE B 254 1.48 -3.24 -25.23
C ILE B 254 -0.03 -3.35 -25.11
N TYR B 255 -0.74 -2.24 -25.09
CA TYR B 255 -2.18 -2.33 -24.99
C TYR B 255 -2.83 -1.19 -25.73
N GLN B 256 -3.71 -1.53 -26.67
CA GLN B 256 -4.63 -0.58 -27.27
C GLN B 256 -5.97 -1.29 -27.45
P PO4 C . -36.18 0.90 -5.86
O1 PO4 C . -35.02 0.37 -6.68
O2 PO4 C . -36.13 2.43 -5.91
O3 PO4 C . -36.10 0.39 -4.43
O4 PO4 C . -37.48 0.42 -6.46
#